data_5MAJ
#
_entry.id   5MAJ
#
_cell.length_a   45.700
_cell.length_b   57.061
_cell.length_c   75.266
_cell.angle_alpha   90.00
_cell.angle_beta   90.00
_cell.angle_gamma   90.00
#
_symmetry.space_group_name_H-M   'P 21 21 21'
#
loop_
_entity.id
_entity.type
_entity.pdbx_description
1 polymer 'Cathepsin L1'
2 non-polymer ~{N}-cyclopentyl-~{N}-(imidazo[1,2-a]pyridin-2-ylmethyl)-4-(iminomethyl)-6-morpholin-4-yl-1,3,5-triazin-2-amine
3 non-polymer 1,2-ETHANEDIOL
4 water water
#
_entity_poly.entity_id   1
_entity_poly.type   'polypeptide(L)'
_entity_poly.pdbx_seq_one_letter_code
;APRSVDWREKGYVTPVKNQGQCGSCWAFSATGALEGQMFRKTGRLISLSEQNLVDCSGPQGNEGCNGGLMDYAFQYVQDN
GGLDSEESYPYEATEESCKYNPKYSVANDTGFVDIPKQEKALMKAVATVGPISVAIDAGHESFLFYKEGIYFEPDCSSED
MDHGVLVVGYGFESTESDNNKYWLVKNSWGEEWGMGGYVKMAKDRRNHCGIASAASYPTV
;
_entity_poly.pdbx_strand_id   A
#
loop_
_chem_comp.id
_chem_comp.type
_chem_comp.name
_chem_comp.formula
7KH non-polymer ~{N}-cyclopentyl-~{N}-(imidazo[1,2-a]pyridin-2-ylmethyl)-4-(iminomethyl)-6-morpholin-4-yl-1,3,5-triazin-2-amine 'C21 H26 N8 O'
EDO non-polymer 1,2-ETHANEDIOL 'C2 H6 O2'
#
# COMPACT_ATOMS: atom_id res chain seq x y z
N ALA A 1 14.53 -15.92 4.13
CA ALA A 1 13.40 -15.34 3.33
C ALA A 1 13.74 -15.90 1.91
N PRO A 2 12.75 -16.32 1.12
CA PRO A 2 12.94 -16.72 -0.25
C PRO A 2 13.64 -15.58 -1.06
N ARG A 3 14.26 -15.99 -2.16
CA ARG A 3 14.92 -14.94 -3.04
C ARG A 3 13.95 -14.06 -3.79
N SER A 4 12.71 -14.50 -3.96
N SER A 4 12.72 -14.57 -4.06
CA SER A 4 11.77 -13.59 -4.48
CA SER A 4 11.69 -13.85 -4.81
C SER A 4 10.43 -14.04 -3.92
C SER A 4 10.25 -14.17 -4.30
N VAL A 5 9.51 -13.07 -4.00
CA VAL A 5 8.13 -13.22 -3.53
C VAL A 5 7.28 -12.37 -4.43
N ASP A 6 6.08 -12.85 -4.78
CA ASP A 6 5.09 -12.04 -5.49
C ASP A 6 3.74 -12.47 -5.03
N TRP A 7 3.17 -11.77 -4.09
CA TRP A 7 1.87 -12.16 -3.52
C TRP A 7 0.72 -12.07 -4.53
N ARG A 8 0.90 -11.36 -5.68
CA ARG A 8 -0.10 -11.44 -6.73
C ARG A 8 -0.36 -12.84 -7.21
N GLU A 9 0.76 -13.64 -7.23
CA GLU A 9 0.64 -15.03 -7.70
C GLU A 9 -0.17 -15.92 -6.86
N LYS A 10 -0.34 -15.56 -5.58
CA LYS A 10 -1.01 -16.33 -4.56
C LYS A 10 -2.45 -15.84 -4.38
N GLY A 11 -2.89 -14.81 -5.10
CA GLY A 11 -4.30 -14.37 -4.95
C GLY A 11 -4.56 -13.25 -3.99
N TYR A 12 -3.52 -12.60 -3.46
CA TYR A 12 -3.65 -11.70 -2.36
C TYR A 12 -4.02 -10.26 -2.82
N VAL A 13 -3.97 -9.97 -4.14
CA VAL A 13 -3.87 -8.59 -4.59
C VAL A 13 -4.97 -8.26 -5.61
N THR A 14 -5.77 -7.22 -5.33
CA THR A 14 -6.79 -6.81 -6.27
C THR A 14 -6.16 -6.04 -7.44
N PRO A 15 -6.89 -5.87 -8.53
CA PRO A 15 -6.37 -5.01 -9.62
C PRO A 15 -6.00 -3.65 -9.17
N VAL A 16 -5.16 -2.99 -9.98
CA VAL A 16 -4.74 -1.61 -9.69
C VAL A 16 -5.92 -0.66 -9.78
N LYS A 17 -5.95 0.24 -8.83
CA LYS A 17 -6.96 1.26 -8.70
C LYS A 17 -6.39 2.64 -9.04
N ASN A 18 -7.26 3.63 -9.07
CA ASN A 18 -6.82 5.01 -9.45
C ASN A 18 -7.43 6.00 -8.47
N GLN A 19 -6.60 6.59 -7.67
CA GLN A 19 -7.02 7.59 -6.66
C GLN A 19 -7.53 8.87 -7.27
N GLY A 20 -7.25 9.13 -8.54
CA GLY A 20 -7.68 10.43 -9.10
C GLY A 20 -6.99 11.57 -8.45
N GLN A 21 -7.65 12.75 -8.51
CA GLN A 21 -7.06 14.03 -8.01
CA GLN A 21 -7.05 14.03 -8.00
C GLN A 21 -7.48 14.25 -6.55
N CYS A 22 -7.14 13.34 -5.72
CA CYS A 22 -7.50 13.34 -4.33
C CYS A 22 -6.24 12.80 -3.60
N GLY A 23 -5.84 13.36 -2.50
CA GLY A 23 -4.74 12.91 -1.71
C GLY A 23 -5.05 11.70 -0.78
N SER A 24 -5.56 10.66 -1.42
CA SER A 24 -6.08 9.44 -0.74
C SER A 24 -5.17 8.24 -0.93
N CYS A 25 -3.92 8.43 -1.33
CA CYS A 25 -3.01 7.28 -1.49
C CYS A 25 -2.97 6.42 -0.24
N TRP A 26 -2.98 7.03 0.95
CA TRP A 26 -2.95 6.29 2.21
C TRP A 26 -4.12 5.33 2.33
N ALA A 27 -5.28 5.71 1.79
CA ALA A 27 -6.47 4.86 1.85
C ALA A 27 -6.29 3.65 0.93
N PHE A 28 -5.72 3.85 -0.27
CA PHE A 28 -5.44 2.75 -1.18
C PHE A 28 -4.36 1.84 -0.65
N SER A 29 -3.32 2.39 -0.02
CA SER A 29 -2.31 1.57 0.59
C SER A 29 -2.96 0.71 1.71
N ALA A 30 -3.78 1.31 2.53
CA ALA A 30 -4.39 0.57 3.65
C ALA A 30 -5.37 -0.48 3.13
N THR A 31 -6.23 -0.17 2.16
CA THR A 31 -7.11 -1.20 1.66
C THR A 31 -6.32 -2.33 1.05
N GLY A 32 -5.20 -2.05 0.34
CA GLY A 32 -4.42 -3.10 -0.25
C GLY A 32 -3.85 -4.02 0.84
N ALA A 33 -3.34 -3.49 1.91
CA ALA A 33 -2.79 -4.34 2.98
C ALA A 33 -3.92 -5.16 3.63
N LEU A 34 -5.06 -4.55 3.88
N LEU A 34 -5.06 -4.50 3.86
CA LEU A 34 -6.13 -5.32 4.52
CA LEU A 34 -6.26 -5.15 4.45
C LEU A 34 -6.75 -6.28 3.53
C LEU A 34 -6.75 -6.26 3.55
N GLU A 35 -6.82 -6.02 2.25
CA GLU A 35 -7.26 -6.99 1.26
C GLU A 35 -6.42 -8.26 1.34
N GLY A 36 -5.09 -8.06 1.45
CA GLY A 36 -4.20 -9.21 1.57
C GLY A 36 -4.37 -9.99 2.86
N GLN A 37 -4.54 -9.28 3.98
CA GLN A 37 -4.66 -10.02 5.27
C GLN A 37 -6.06 -10.71 5.34
N MET A 38 -7.09 -10.08 4.84
CA MET A 38 -8.40 -10.75 4.78
C MET A 38 -8.38 -11.93 3.91
N PHE A 39 -7.62 -11.91 2.76
CA PHE A 39 -7.47 -13.05 1.92
C PHE A 39 -6.76 -14.18 2.63
N ARG A 40 -5.68 -13.87 3.34
CA ARG A 40 -4.95 -14.95 4.13
C ARG A 40 -5.96 -15.57 5.09
N LYS A 41 -6.74 -14.76 5.78
CA LYS A 41 -7.68 -15.24 6.80
C LYS A 41 -8.79 -16.12 6.21
N THR A 42 -9.44 -15.70 5.17
CA THR A 42 -10.71 -16.28 4.68
C THR A 42 -10.63 -17.00 3.36
N GLY A 43 -9.56 -16.77 2.57
CA GLY A 43 -9.50 -17.29 1.24
C GLY A 43 -10.32 -16.57 0.22
N ARG A 44 -10.92 -15.40 0.61
CA ARG A 44 -11.74 -14.57 -0.33
C ARG A 44 -11.04 -13.25 -0.53
N LEU A 45 -10.87 -12.91 -1.80
CA LEU A 45 -10.29 -11.59 -2.15
C LEU A 45 -11.46 -10.63 -2.49
N ILE A 46 -11.63 -9.62 -1.65
CA ILE A 46 -12.76 -8.69 -1.81
C ILE A 46 -12.18 -7.31 -1.81
N SER A 47 -12.42 -6.55 -2.88
CA SER A 47 -11.97 -5.15 -2.95
C SER A 47 -12.67 -4.31 -1.87
N LEU A 48 -11.92 -3.52 -1.15
CA LEU A 48 -12.40 -2.72 -0.01
C LEU A 48 -12.57 -1.27 -0.38
N SER A 49 -13.39 -0.55 0.39
CA SER A 49 -13.74 0.80 0.09
C SER A 49 -12.77 1.82 0.62
N GLU A 50 -11.99 2.43 -0.28
CA GLU A 50 -11.25 3.64 0.08
C GLU A 50 -12.13 4.80 0.46
N GLN A 51 -13.29 4.89 -0.22
CA GLN A 51 -14.17 6.01 0.06
C GLN A 51 -14.64 5.98 1.54
N ASN A 52 -14.91 4.80 2.04
CA ASN A 52 -15.28 4.66 3.45
C ASN A 52 -14.20 5.22 4.33
N LEU A 53 -12.90 4.92 4.01
CA LEU A 53 -11.82 5.47 4.79
C LEU A 53 -11.73 7.01 4.67
N VAL A 54 -11.84 7.51 3.41
CA VAL A 54 -11.73 8.96 3.18
C VAL A 54 -12.83 9.69 3.95
N ASP A 55 -14.05 9.16 3.92
CA ASP A 55 -15.21 9.88 4.48
C ASP A 55 -15.32 9.79 5.96
N CYS A 56 -14.72 8.78 6.60
CA CYS A 56 -15.10 8.39 7.96
C CYS A 56 -14.01 8.39 8.97
N SER A 57 -12.72 8.46 8.55
CA SER A 57 -11.61 8.22 9.50
C SER A 57 -10.92 9.55 9.96
N GLY A 58 -11.67 10.65 9.93
CA GLY A 58 -11.19 11.87 10.54
C GLY A 58 -10.85 11.74 12.02
N PRO A 59 -11.65 11.03 12.83
CA PRO A 59 -11.31 10.98 14.27
C PRO A 59 -9.93 10.40 14.55
N GLN A 60 -9.52 9.45 13.70
CA GLN A 60 -8.24 8.80 13.84
C GLN A 60 -7.07 9.58 13.31
N GLY A 61 -7.33 10.75 12.70
CA GLY A 61 -6.24 11.61 12.22
C GLY A 61 -6.22 11.80 10.71
N ASN A 62 -7.06 11.09 9.95
CA ASN A 62 -6.93 11.26 8.51
C ASN A 62 -7.69 12.54 8.08
N GLU A 63 -7.26 13.02 6.88
CA GLU A 63 -7.72 14.28 6.36
C GLU A 63 -8.25 14.13 4.96
N GLY A 64 -8.90 13.03 4.63
CA GLY A 64 -9.60 12.92 3.35
C GLY A 64 -8.68 12.98 2.17
N CYS A 65 -8.98 13.94 1.28
CA CYS A 65 -8.14 14.25 0.13
C CYS A 65 -6.94 15.10 0.47
N ASN A 66 -6.77 15.49 1.70
CA ASN A 66 -5.61 16.23 2.19
C ASN A 66 -4.60 15.30 2.90
N GLY A 67 -4.66 14.00 2.63
CA GLY A 67 -3.72 13.09 3.18
C GLY A 67 -4.19 12.36 4.42
N GLY A 68 -3.32 11.52 4.92
CA GLY A 68 -3.70 10.62 6.03
C GLY A 68 -2.60 9.61 6.15
N LEU A 69 -2.76 8.60 7.04
CA LEU A 69 -1.76 7.58 7.24
C LEU A 69 -2.42 6.20 7.29
N MET A 70 -1.73 5.21 6.78
CA MET A 70 -2.23 3.86 6.78
C MET A 70 -2.51 3.40 8.21
N ASP A 71 -1.66 3.68 9.19
CA ASP A 71 -1.92 3.20 10.55
C ASP A 71 -3.21 3.86 11.06
N TYR A 72 -3.48 5.11 10.72
CA TYR A 72 -4.75 5.74 11.17
C TYR A 72 -5.94 5.04 10.58
N ALA A 73 -5.84 4.60 9.27
CA ALA A 73 -6.87 3.83 8.65
C ALA A 73 -7.08 2.48 9.37
N PHE A 74 -5.99 1.80 9.70
CA PHE A 74 -6.14 0.52 10.40
C PHE A 74 -6.78 0.77 11.77
N GLN A 75 -6.45 1.86 12.44
CA GLN A 75 -7.11 2.14 13.73
C GLN A 75 -8.58 2.42 13.53
N TYR A 76 -8.96 3.13 12.46
CA TYR A 76 -10.39 3.37 12.18
C TYR A 76 -11.12 2.06 12.03
N VAL A 77 -10.57 1.15 11.26
CA VAL A 77 -11.31 -0.10 11.02
C VAL A 77 -11.56 -0.83 12.36
N GLN A 78 -10.55 -0.84 13.22
CA GLN A 78 -10.70 -1.46 14.59
C GLN A 78 -11.73 -0.67 15.40
N ASP A 79 -11.66 0.63 15.47
CA ASP A 79 -12.59 1.40 16.25
C ASP A 79 -14.02 1.25 15.71
N ASN A 80 -14.17 1.21 14.43
CA ASN A 80 -15.46 1.17 13.75
C ASN A 80 -16.14 -0.20 13.81
N GLY A 81 -15.34 -1.22 13.93
CA GLY A 81 -15.82 -2.60 13.87
C GLY A 81 -16.01 -3.16 12.46
N GLY A 82 -15.46 -2.48 11.46
CA GLY A 82 -15.64 -2.99 10.09
C GLY A 82 -15.26 -1.97 9.03
N LEU A 83 -15.35 -2.45 7.81
CA LEU A 83 -15.04 -1.59 6.62
C LEU A 83 -15.86 -2.18 5.48
N ASP A 84 -16.57 -1.31 4.73
CA ASP A 84 -17.40 -1.75 3.65
C ASP A 84 -16.61 -2.16 2.43
N SER A 85 -17.21 -3.01 1.59
CA SER A 85 -16.68 -3.34 0.32
C SER A 85 -16.67 -2.19 -0.63
N GLU A 86 -15.73 -2.23 -1.61
CA GLU A 86 -15.74 -1.26 -2.67
C GLU A 86 -17.09 -1.26 -3.42
N GLU A 87 -17.62 -2.47 -3.66
CA GLU A 87 -18.89 -2.52 -4.40
C GLU A 87 -19.97 -1.77 -3.70
N SER A 88 -20.07 -1.91 -2.39
CA SER A 88 -21.14 -1.28 -1.60
C SER A 88 -20.92 0.21 -1.43
N TYR A 89 -19.66 0.70 -1.51
CA TYR A 89 -19.32 2.05 -1.13
C TYR A 89 -18.26 2.53 -2.09
N PRO A 90 -18.67 2.84 -3.34
CA PRO A 90 -17.65 3.03 -4.42
C PRO A 90 -16.93 4.35 -4.28
N TYR A 91 -15.80 4.39 -5.02
CA TYR A 91 -14.88 5.52 -4.87
C TYR A 91 -15.39 6.74 -5.66
N GLU A 92 -15.31 7.89 -5.00
CA GLU A 92 -15.79 9.19 -5.57
C GLU A 92 -14.66 10.18 -5.78
N ALA A 93 -13.51 10.03 -5.11
CA ALA A 93 -12.35 10.93 -5.24
C ALA A 93 -12.54 12.32 -4.71
N THR A 94 -13.53 12.51 -3.82
CA THR A 94 -13.72 13.73 -3.05
C THR A 94 -14.20 13.28 -1.64
N GLU A 95 -13.86 14.09 -0.66
CA GLU A 95 -14.22 13.82 0.74
C GLU A 95 -15.70 14.16 0.91
N GLU A 96 -16.51 13.24 1.46
CA GLU A 96 -17.90 13.34 1.59
C GLU A 96 -18.34 12.94 3.02
N SER A 97 -19.60 13.15 3.34
CA SER A 97 -20.05 12.67 4.67
C SER A 97 -19.93 11.10 4.77
N CYS A 98 -19.75 10.67 6.01
CA CYS A 98 -19.62 9.24 6.24
C CYS A 98 -20.88 8.49 5.96
N LYS A 99 -20.75 7.41 5.17
CA LYS A 99 -21.92 6.61 4.76
C LYS A 99 -21.69 5.13 5.15
N TYR A 100 -20.79 4.85 6.11
CA TYR A 100 -20.56 3.46 6.51
C TYR A 100 -21.86 2.76 6.90
N ASN A 101 -22.04 1.54 6.42
CA ASN A 101 -23.16 0.69 6.78
C ASN A 101 -22.63 -0.65 7.20
N PRO A 102 -22.80 -1.11 8.42
CA PRO A 102 -22.28 -2.37 8.86
C PRO A 102 -22.80 -3.59 8.08
N LYS A 103 -24.01 -3.50 7.52
CA LYS A 103 -24.54 -4.62 6.73
C LYS A 103 -23.54 -5.03 5.65
N TYR A 104 -22.79 -4.07 5.11
CA TYR A 104 -21.93 -4.30 3.98
C TYR A 104 -20.45 -4.38 4.38
N SER A 105 -20.18 -4.50 5.68
CA SER A 105 -18.82 -4.71 6.11
C SER A 105 -18.33 -6.06 5.72
N VAL A 106 -17.12 -6.14 5.17
CA VAL A 106 -16.50 -7.36 4.74
C VAL A 106 -15.10 -7.51 5.31
N ALA A 107 -14.65 -6.58 6.11
CA ALA A 107 -13.28 -6.68 6.68
C ALA A 107 -13.30 -6.09 8.05
N ASN A 108 -12.31 -6.54 8.85
CA ASN A 108 -12.12 -6.00 10.19
CA ASN A 108 -12.13 -6.07 10.21
C ASN A 108 -10.63 -6.11 10.54
N ASP A 109 -10.20 -5.45 11.56
CA ASP A 109 -8.87 -5.60 12.03
C ASP A 109 -8.81 -5.37 13.52
N THR A 110 -7.70 -5.84 14.09
CA THR A 110 -7.45 -5.88 15.51
C THR A 110 -6.29 -4.97 15.93
N GLY A 111 -5.88 -4.09 15.04
CA GLY A 111 -4.70 -3.21 15.23
C GLY A 111 -3.76 -3.38 14.07
N PHE A 112 -2.52 -3.08 14.34
CA PHE A 112 -1.53 -3.06 13.25
C PHE A 112 -0.15 -3.24 13.88
N VAL A 113 0.77 -3.58 13.03
CA VAL A 113 2.17 -3.82 13.35
C VAL A 113 3.00 -2.82 12.52
N ASP A 114 3.87 -2.09 13.22
CA ASP A 114 4.89 -1.22 12.57
C ASP A 114 6.18 -2.02 12.46
N ILE A 115 6.67 -2.14 11.26
CA ILE A 115 7.86 -2.97 11.00
C ILE A 115 9.10 -2.17 11.35
N PRO A 116 10.14 -2.79 11.93
CA PRO A 116 11.40 -2.07 12.17
C PRO A 116 11.89 -1.42 10.92
N LYS A 117 12.59 -0.28 11.15
CA LYS A 117 12.96 0.62 10.05
C LYS A 117 14.24 0.13 9.33
N GLN A 118 14.20 -1.01 8.71
CA GLN A 118 15.32 -1.64 8.06
C GLN A 118 14.80 -2.48 6.94
N GLU A 119 15.53 -2.51 5.82
CA GLU A 119 15.12 -3.30 4.68
C GLU A 119 15.11 -4.80 4.92
N LYS A 120 16.01 -5.33 5.76
CA LYS A 120 15.94 -6.77 6.02
C LYS A 120 14.68 -7.12 6.80
N ALA A 121 14.31 -6.28 7.75
CA ALA A 121 13.01 -6.50 8.49
C ALA A 121 11.83 -6.40 7.52
N LEU A 122 11.87 -5.47 6.59
CA LEU A 122 10.77 -5.34 5.61
C LEU A 122 10.72 -6.62 4.80
N MET A 123 11.88 -7.13 4.35
CA MET A 123 11.87 -8.32 3.56
C MET A 123 11.24 -9.51 4.34
N LYS A 124 11.68 -9.68 5.60
CA LYS A 124 11.08 -10.76 6.41
C LYS A 124 9.58 -10.58 6.58
N ALA A 125 9.12 -9.35 6.74
CA ALA A 125 7.67 -9.11 6.85
C ALA A 125 6.97 -9.47 5.56
N VAL A 126 7.47 -8.98 4.39
CA VAL A 126 6.85 -9.32 3.17
C VAL A 126 6.77 -10.80 3.00
N ALA A 127 7.87 -11.51 3.31
CA ALA A 127 7.93 -13.00 3.09
C ALA A 127 6.91 -13.73 4.03
N THR A 128 6.70 -13.24 5.23
CA THR A 128 5.93 -14.02 6.18
C THR A 128 4.48 -13.52 6.35
N VAL A 129 4.16 -12.33 5.94
CA VAL A 129 2.85 -11.71 6.19
C VAL A 129 2.00 -11.65 4.99
N GLY A 130 2.52 -11.12 3.85
CA GLY A 130 1.71 -10.69 2.74
C GLY A 130 2.10 -9.27 2.33
N PRO A 131 1.24 -8.63 1.53
CA PRO A 131 1.51 -7.23 1.15
C PRO A 131 1.59 -6.32 2.32
N ILE A 132 2.50 -5.30 2.27
CA ILE A 132 2.81 -4.42 3.32
C ILE A 132 2.60 -2.98 2.93
N SER A 133 1.92 -2.18 3.71
CA SER A 133 1.81 -0.75 3.43
C SER A 133 3.13 -0.05 3.72
N VAL A 134 3.52 0.85 2.79
CA VAL A 134 4.77 1.60 2.98
C VAL A 134 4.55 3.04 2.51
N ALA A 135 5.36 3.94 3.07
CA ALA A 135 5.50 5.30 2.59
C ALA A 135 6.80 5.46 1.85
N ILE A 136 6.79 6.22 0.76
CA ILE A 136 7.97 6.51 -0.03
C ILE A 136 8.06 7.96 -0.34
N ASP A 137 9.30 8.40 -0.65
CA ASP A 137 9.54 9.69 -1.32
C ASP A 137 9.26 9.50 -2.79
N ALA A 138 8.07 10.00 -3.25
CA ALA A 138 7.70 9.91 -4.68
C ALA A 138 7.84 11.33 -5.29
N GLY A 139 8.43 12.25 -4.61
CA GLY A 139 8.30 13.68 -5.02
C GLY A 139 9.38 14.06 -6.05
N HIS A 140 9.62 13.24 -7.05
CA HIS A 140 10.50 13.57 -8.17
C HIS A 140 9.81 13.30 -9.44
N GLU A 141 10.04 14.14 -10.46
CA GLU A 141 9.49 13.86 -11.76
C GLU A 141 9.90 12.52 -12.35
N SER A 142 11.08 11.96 -11.94
CA SER A 142 11.47 10.69 -12.38
C SER A 142 10.42 9.62 -11.96
N PHE A 143 9.81 9.80 -10.80
CA PHE A 143 8.76 8.83 -10.38
C PHE A 143 7.46 9.11 -11.10
N LEU A 144 7.09 10.37 -11.30
CA LEU A 144 5.88 10.65 -11.99
C LEU A 144 5.85 10.07 -13.35
N PHE A 145 7.01 10.11 -14.07
CA PHE A 145 7.12 9.63 -15.43
C PHE A 145 7.81 8.27 -15.53
N TYR A 146 7.89 7.50 -14.46
CA TYR A 146 8.43 6.15 -14.45
C TYR A 146 7.68 5.29 -15.43
N LYS A 147 8.38 4.52 -16.21
CA LYS A 147 7.82 3.60 -17.15
C LYS A 147 8.15 2.14 -16.85
N GLU A 148 9.43 1.79 -16.65
CA GLU A 148 9.77 0.36 -16.46
C GLU A 148 11.20 0.31 -15.90
N GLY A 149 11.56 -0.88 -15.42
CA GLY A 149 12.86 -1.15 -14.93
C GLY A 149 12.91 -0.86 -13.44
N ILE A 150 14.08 -0.88 -12.83
CA ILE A 150 14.30 -0.54 -11.42
C ILE A 150 14.38 0.94 -11.23
N TYR A 151 13.48 1.50 -10.47
CA TYR A 151 13.54 2.89 -10.11
C TYR A 151 14.60 3.21 -9.11
N PHE A 152 15.54 4.11 -9.47
CA PHE A 152 16.59 4.58 -8.61
C PHE A 152 16.74 6.05 -8.81
N GLU A 153 16.52 6.86 -7.78
CA GLU A 153 16.55 8.28 -7.79
C GLU A 153 17.62 8.75 -6.81
N PRO A 154 18.77 9.24 -7.32
CA PRO A 154 19.82 9.65 -6.39
C PRO A 154 19.44 10.76 -5.43
N ASP A 155 18.39 11.56 -5.72
CA ASP A 155 17.96 12.59 -4.81
C ASP A 155 16.91 12.08 -3.87
N CYS A 156 16.53 10.77 -3.89
CA CYS A 156 15.50 10.36 -2.98
C CYS A 156 15.85 10.43 -1.48
N SER A 157 14.85 10.77 -0.66
CA SER A 157 15.08 10.83 0.77
C SER A 157 14.68 9.47 1.39
N SER A 158 15.43 9.08 2.44
CA SER A 158 15.03 7.93 3.27
C SER A 158 14.24 8.36 4.50
N GLU A 159 14.03 9.67 4.74
CA GLU A 159 13.39 10.17 5.92
C GLU A 159 12.13 10.98 5.67
N ASP A 160 11.97 11.53 4.47
CA ASP A 160 10.83 12.41 4.18
C ASP A 160 10.04 11.79 3.09
N MET A 161 8.97 11.14 3.40
CA MET A 161 8.09 10.41 2.48
C MET A 161 6.83 11.22 2.23
N ASP A 162 6.26 11.06 1.06
CA ASP A 162 5.13 11.90 0.70
C ASP A 162 4.08 11.13 -0.07
N HIS A 163 4.14 9.76 -0.07
CA HIS A 163 3.20 8.98 -0.86
C HIS A 163 3.09 7.62 -0.23
N GLY A 164 1.90 7.05 -0.14
CA GLY A 164 1.65 5.73 0.43
C GLY A 164 1.35 4.77 -0.65
N VAL A 165 1.99 3.58 -0.62
CA VAL A 165 1.88 2.52 -1.63
C VAL A 165 1.92 1.17 -0.95
N LEU A 166 2.01 0.09 -1.74
CA LEU A 166 1.87 -1.27 -1.19
C LEU A 166 2.99 -2.12 -1.76
N VAL A 167 3.80 -2.72 -0.89
CA VAL A 167 4.80 -3.70 -1.34
C VAL A 167 4.13 -5.05 -1.41
N VAL A 168 4.11 -5.64 -2.63
CA VAL A 168 3.47 -6.91 -2.87
C VAL A 168 4.51 -8.04 -3.03
N GLY A 169 5.79 -7.71 -3.03
CA GLY A 169 6.81 -8.73 -3.22
C GLY A 169 8.15 -8.07 -3.39
N TYR A 170 9.11 -8.91 -3.81
CA TYR A 170 10.50 -8.41 -4.03
C TYR A 170 11.13 -9.48 -4.93
N GLY A 171 12.23 -9.08 -5.59
CA GLY A 171 12.92 -10.02 -6.42
C GLY A 171 14.20 -9.34 -6.99
N PHE A 172 14.58 -9.89 -8.13
CA PHE A 172 15.82 -9.36 -8.78
C PHE A 172 15.63 -9.43 -10.27
N GLU A 173 16.28 -8.48 -10.94
CA GLU A 173 16.37 -8.57 -12.43
C GLU A 173 17.56 -9.47 -12.77
N SER A 174 17.31 -10.36 -13.68
CA SER A 174 18.37 -11.26 -14.11
C SER A 174 19.59 -10.50 -14.73
N THR A 175 19.13 -9.76 -15.79
CA THR A 175 19.94 -9.03 -16.78
C THR A 175 21.49 -9.25 -16.51
N SER A 177 22.14 -5.86 -14.21
CA SER A 177 23.58 -6.38 -14.19
C SER A 177 23.96 -6.50 -12.75
N ASP A 178 24.55 -5.38 -12.22
CA ASP A 178 24.91 -5.08 -10.80
C ASP A 178 23.79 -4.39 -9.95
N ASN A 179 23.76 -4.32 -8.58
CA ASN A 179 22.63 -3.65 -7.76
C ASN A 179 21.24 -3.92 -8.37
N ASN A 180 20.79 -5.19 -8.51
CA ASN A 180 19.63 -5.60 -9.37
C ASN A 180 18.37 -6.05 -8.60
N LYS A 181 18.39 -5.73 -7.33
CA LYS A 181 17.22 -6.20 -6.51
C LYS A 181 16.20 -5.12 -6.46
N TYR A 182 14.93 -5.53 -6.29
CA TYR A 182 13.84 -4.50 -6.22
C TYR A 182 12.74 -5.01 -5.27
N TRP A 183 11.97 -4.01 -4.81
CA TRP A 183 10.65 -4.18 -4.19
C TRP A 183 9.60 -4.06 -5.27
N LEU A 184 8.63 -4.99 -5.32
CA LEU A 184 7.54 -4.90 -6.25
C LEU A 184 6.42 -4.07 -5.60
N VAL A 185 6.12 -2.90 -6.13
CA VAL A 185 5.23 -1.93 -5.47
C VAL A 185 4.05 -1.66 -6.32
N LYS A 186 2.84 -1.81 -5.73
CA LYS A 186 1.59 -1.47 -6.32
C LYS A 186 1.29 -0.05 -6.02
N ASN A 187 1.08 0.81 -7.09
CA ASN A 187 0.69 2.18 -6.89
C ASN A 187 -0.88 2.27 -7.09
N SER A 188 -1.41 3.47 -6.93
CA SER A 188 -2.83 3.76 -7.06
C SER A 188 -3.07 4.89 -8.09
N TRP A 189 -2.28 4.78 -9.18
CA TRP A 189 -2.31 5.79 -10.27
C TRP A 189 -2.84 5.20 -11.53
N GLY A 190 -3.63 4.10 -11.46
CA GLY A 190 -4.15 3.45 -12.58
C GLY A 190 -3.16 2.53 -13.29
N GLU A 191 -3.68 1.68 -14.17
CA GLU A 191 -2.83 0.71 -14.87
C GLU A 191 -1.92 1.25 -15.88
N GLU A 192 -2.19 2.43 -16.37
CA GLU A 192 -1.31 2.95 -17.45
C GLU A 192 -0.11 3.63 -16.91
N TRP A 193 0.04 3.85 -15.65
CA TRP A 193 1.26 4.36 -15.08
C TRP A 193 2.26 3.22 -14.79
N GLY A 194 3.54 3.41 -15.11
CA GLY A 194 4.48 2.35 -14.76
C GLY A 194 4.25 1.09 -15.47
N MET A 195 4.55 -0.02 -14.77
CA MET A 195 4.49 -1.35 -15.35
C MET A 195 3.11 -1.93 -14.99
N GLY A 196 2.07 -1.59 -15.75
CA GLY A 196 0.72 -2.06 -15.38
C GLY A 196 0.28 -1.49 -14.02
N GLY A 197 0.78 -0.36 -13.63
CA GLY A 197 0.43 0.25 -12.38
C GLY A 197 1.36 -0.01 -11.23
N TYR A 198 2.43 -0.80 -11.51
CA TYR A 198 3.44 -1.19 -10.57
C TYR A 198 4.79 -0.50 -10.84
N VAL A 199 5.61 -0.41 -9.83
CA VAL A 199 6.97 0.08 -9.95
C VAL A 199 7.87 -0.87 -9.23
N LYS A 200 8.97 -1.26 -9.94
N LYS A 200 9.09 -1.06 -9.74
CA LYS A 200 10.04 -1.99 -9.33
CA LYS A 200 10.17 -1.77 -9.09
C LYS A 200 10.89 -0.93 -8.68
C LYS A 200 11.11 -0.85 -8.36
N MET A 201 11.00 -0.93 -7.34
N MET A 201 10.98 -0.64 -7.05
CA MET A 201 11.69 0.11 -6.47
CA MET A 201 11.78 0.36 -6.33
C MET A 201 13.04 -0.48 -6.09
C MET A 201 13.04 -0.31 -5.87
N ALA A 202 14.17 0.29 -6.13
CA ALA A 202 15.45 -0.32 -5.80
C ALA A 202 15.41 -0.83 -4.34
N LYS A 203 15.96 -2.03 -4.20
CA LYS A 203 16.01 -2.75 -2.88
C LYS A 203 17.46 -2.94 -2.44
N ASP A 204 17.67 -2.84 -1.10
CA ASP A 204 18.99 -3.03 -0.52
C ASP A 204 19.98 -2.01 -1.09
N ARG A 205 19.51 -0.82 -1.29
CA ARG A 205 20.27 0.35 -1.69
C ARG A 205 20.07 1.45 -0.70
N ARG A 206 20.45 1.12 0.54
CA ARG A 206 20.38 2.21 1.58
CA ARG A 206 20.39 2.15 1.56
C ARG A 206 18.99 2.73 1.87
N ASN A 207 18.00 1.82 1.93
CA ASN A 207 16.62 2.22 2.23
C ASN A 207 16.15 3.32 1.25
N HIS A 208 16.27 2.96 -0.03
CA HIS A 208 16.00 3.95 -1.06
C HIS A 208 14.56 4.49 -1.01
N CYS A 209 14.44 5.83 -1.02
CA CYS A 209 13.17 6.51 -0.96
C CYS A 209 12.37 6.26 0.32
N GLY A 210 13.08 5.72 1.32
CA GLY A 210 12.40 5.57 2.63
C GLY A 210 11.41 4.45 2.69
N ILE A 211 11.50 3.50 1.82
CA ILE A 211 10.49 2.41 1.72
C ILE A 211 10.36 1.63 3.02
N ALA A 212 11.42 1.46 3.79
CA ALA A 212 11.37 0.76 5.09
C ALA A 212 11.16 1.67 6.26
N SER A 213 10.96 2.99 6.05
CA SER A 213 10.92 3.91 7.18
C SER A 213 9.54 4.01 7.87
N ALA A 214 8.48 3.63 7.16
CA ALA A 214 7.12 3.73 7.76
C ALA A 214 6.23 2.64 7.15
N ALA A 215 6.72 1.39 7.32
CA ALA A 215 6.04 0.22 6.81
C ALA A 215 5.17 -0.43 7.94
N SER A 216 3.99 -0.92 7.53
CA SER A 216 3.08 -1.50 8.55
C SER A 216 2.05 -2.36 7.82
N TYR A 217 1.33 -3.15 8.69
CA TYR A 217 0.27 -3.97 8.15
C TYR A 217 -0.77 -4.16 9.28
N PRO A 218 -2.02 -4.46 8.90
CA PRO A 218 -3.05 -4.65 9.92
C PRO A 218 -3.02 -6.14 10.40
N THR A 219 -3.41 -6.29 11.66
CA THR A 219 -3.65 -7.65 12.20
C THR A 219 -5.14 -7.94 12.08
N VAL A 220 -5.45 -9.17 11.82
CA VAL A 220 -6.84 -9.53 11.57
C VAL A 220 -7.28 -10.77 12.40
C5 7KH B . -1.70 15.36 -1.19
C8 7KH B . -1.26 10.49 -1.17
C1 7KH B . -0.23 16.14 0.69
C14 7KH B . 0.55 9.56 3.21
C9 7KH B . 0.69 13.10 4.59
C4 7KH B . -2.65 16.56 -0.83
C13 7KH B . 1.16 8.27 3.60
C2 7KH B . -1.36 17.12 1.13
C18 7KH B . 0.53 12.16 1.44
N16 7KH B . 1.33 11.88 2.46
O3 7KH B . -2.22 17.54 0.11
N6 7KH B . -0.95 15.02 0.01
N7 7KH B . -2.01 10.71 -2.23
C10 7KH B . 1.73 12.91 3.47
C11 7KH B . 2.87 10.13 3.54
C12 7KH B . 2.72 8.56 3.69
C15 7KH B . 1.71 10.41 2.63
N17 7KH B . 0.15 13.46 1.29
N19 7KH B . 0.07 11.20 0.65
C20 7KH B . -0.72 11.54 -0.32
N21 7KH B . -1.12 12.82 -0.61
C22 7KH B . -0.66 13.70 0.26
N23 7KH B . 0.75 12.42 5.77
C24 7KH B . -0.28 12.85 6.48
N25 7KH B . -1.08 13.75 5.82
C26 7KH B . -0.40 13.90 4.56
C27 7KH B . -2.25 14.36 6.33
C28 7KH B . -2.65 13.98 7.58
C29 7KH B . -1.78 12.97 8.26
C30 7KH B . -0.65 12.46 7.73
C1 EDO C . -22.58 1.62 2.11
O1 EDO C . -23.85 0.91 2.13
C2 EDO C . -22.67 2.96 1.54
O2 EDO C . -23.64 3.73 2.22
#